data_8EA7
#
_entry.id   8EA7
#
_cell.length_a   100.582
_cell.length_b   43.138
_cell.length_c   67.545
_cell.angle_alpha   90.00
_cell.angle_beta   107.42
_cell.angle_gamma   90.00
#
_symmetry.space_group_name_H-M   'C 1 2 1'
#
loop_
_entity.id
_entity.type
_entity.pdbx_description
1 polymer 'NKG2-D type II integral membrane protein'
2 non-polymer DI(HYDROXYETHYL)ETHER
3 non-polymer "(4M)-N-{(1S)-2-(dimethylamino)-2-oxo-1-[3-(trifluoromethyl)phenyl]ethyl}-4-(1-methyl-1H-pyrazol-5-yl)-4'-(trifluoromethyl)[1,1'-biphenyl]-2-carboxamide"
4 water water
#
_entity_poly.entity_id   1
_entity_poly.type   'polypeptide(L)'
_entity_poly.pdbx_seq_one_letter_code
;MGPLTESYCGPCPKNWICYKNNCYQFFDEEKNWYESQASCMSQNASLLKVYSKEDQDLLKLVKSYHWMGLVHIPTNGSWQ
WEDGSSLSPNLLTIIEMQKGDCALYASSFKGYIENCSTPNTYICMQRTV
;
_entity_poly.pdbx_strand_id   A,B
#
loop_
_chem_comp.id
_chem_comp.type
_chem_comp.name
_chem_comp.formula
PEG non-polymer DI(HYDROXYETHYL)ETHER 'C4 H10 O3'
VMH non-polymer (4M)-N-{(1S)-2-(dimethylamino)-2-oxo-1-[3-(trifluoromethyl)phenyl]ethyl}-4-(1-methyl-1H-pyrazol-5-yl)-4'-(trifluoromethyl)[1,1'-biphenyl]-2-carboxamide 'C29 H24 F6 N4 O2'
#
# COMPACT_ATOMS: atom_id res chain seq x y z
N GLU A 6 -11.12 15.29 -6.44
CA GLU A 6 -11.72 14.82 -5.18
C GLU A 6 -12.87 13.84 -5.44
N SER A 7 -12.93 12.78 -4.64
CA SER A 7 -13.88 11.71 -4.88
C SER A 7 -14.04 10.86 -3.63
N TYR A 8 -15.08 10.03 -3.63
CA TYR A 8 -15.18 8.88 -2.74
C TYR A 8 -14.68 7.64 -3.46
N CYS A 9 -14.44 6.59 -2.70
CA CYS A 9 -13.91 5.36 -3.25
C CYS A 9 -14.70 4.18 -2.71
N GLY A 10 -15.19 3.32 -3.60
CA GLY A 10 -15.92 2.16 -3.17
C GLY A 10 -17.01 1.79 -4.14
N PRO A 11 -17.96 0.98 -3.67
CA PRO A 11 -18.02 0.46 -2.30
C PRO A 11 -17.01 -0.67 -2.04
N CYS A 12 -16.48 -0.74 -0.82
CA CYS A 12 -15.54 -1.76 -0.41
C CYS A 12 -15.85 -2.16 1.03
N PRO A 13 -15.55 -3.40 1.41
CA PRO A 13 -15.57 -3.74 2.84
C PRO A 13 -14.49 -2.97 3.58
N LYS A 14 -14.71 -2.77 4.89
CA LYS A 14 -13.88 -1.87 5.67
C LYS A 14 -12.42 -2.30 5.70
N ASN A 15 -12.14 -3.60 5.61
CA ASN A 15 -10.80 -4.12 5.78
C ASN A 15 -10.02 -4.20 4.49
N TRP A 16 -10.50 -3.56 3.43
CA TRP A 16 -9.85 -3.54 2.14
C TRP A 16 -9.35 -2.13 1.82
N ILE A 17 -8.22 -2.08 1.13
CA ILE A 17 -7.72 -0.83 0.57
C ILE A 17 -8.57 -0.48 -0.65
N CYS A 18 -8.98 0.78 -0.76
CA CYS A 18 -9.73 1.26 -1.92
C CYS A 18 -8.85 2.20 -2.74
N TYR A 19 -8.81 1.98 -4.05
CA TYR A 19 -8.04 2.85 -4.94
C TYR A 19 -8.77 2.88 -6.27
N LYS A 20 -9.26 4.05 -6.67
CA LYS A 20 -9.93 4.22 -7.94
C LYS A 20 -11.06 3.21 -8.11
N ASN A 21 -11.81 3.01 -7.04
CA ASN A 21 -13.04 2.21 -6.98
C ASN A 21 -12.80 0.71 -7.13
N ASN A 22 -11.57 0.25 -6.98
CA ASN A 22 -11.30 -1.16 -6.82
C ASN A 22 -10.85 -1.41 -5.39
N CYS A 23 -11.21 -2.57 -4.84
CA CYS A 23 -10.88 -2.94 -3.48
C CYS A 23 -9.77 -3.98 -3.53
N TYR A 24 -8.71 -3.81 -2.71
CA TYR A 24 -7.58 -4.73 -2.70
C TYR A 24 -7.32 -5.23 -1.30
N GLN A 25 -6.92 -6.51 -1.18
CA GLN A 25 -6.51 -7.05 0.10
C GLN A 25 -5.31 -7.96 -0.09
N PHE A 26 -4.27 -7.77 0.73
CA PHE A 26 -3.06 -8.56 0.70
C PHE A 26 -3.16 -9.71 1.70
N PHE A 27 -2.80 -10.92 1.25
CA PHE A 27 -2.79 -12.10 2.12
C PHE A 27 -1.36 -12.61 2.25
N ASP A 28 -0.86 -12.67 3.49
CA ASP A 28 0.53 -13.07 3.72
C ASP A 28 0.69 -14.56 3.98
N GLU A 29 -0.38 -15.30 4.24
CA GLU A 29 -0.28 -16.74 4.40
C GLU A 29 -0.11 -17.37 3.02
N GLU A 30 1.01 -18.06 2.81
CA GLU A 30 1.35 -18.56 1.49
C GLU A 30 0.49 -19.77 1.13
N LYS A 31 -0.09 -19.74 -0.06
CA LYS A 31 -0.95 -20.81 -0.55
C LYS A 31 -0.65 -21.05 -2.03
N ASN A 32 -0.96 -22.24 -2.51
CA ASN A 32 -0.83 -22.45 -3.94
C ASN A 32 -1.90 -21.66 -4.69
N TRP A 33 -1.78 -21.64 -6.02
CA TRP A 33 -2.65 -20.77 -6.82
C TRP A 33 -4.12 -21.10 -6.60
N TYR A 34 -4.44 -22.40 -6.62
CA TYR A 34 -5.83 -22.83 -6.47
C TYR A 34 -6.37 -22.49 -5.09
N GLU A 35 -5.57 -22.71 -4.04
CA GLU A 35 -6.02 -22.36 -2.69
C GLU A 35 -6.18 -20.86 -2.55
N SER A 36 -5.31 -20.09 -3.20
CA SER A 36 -5.44 -18.64 -3.19
C SER A 36 -6.72 -18.21 -3.89
N GLN A 37 -7.02 -18.81 -5.04
CA GLN A 37 -8.27 -18.52 -5.73
C GLN A 37 -9.46 -18.78 -4.83
N ALA A 38 -9.47 -19.93 -4.14
CA ALA A 38 -10.59 -20.27 -3.27
C ALA A 38 -10.71 -19.28 -2.12
N SER A 39 -9.57 -18.81 -1.60
CA SER A 39 -9.60 -17.85 -0.51
C SER A 39 -10.26 -16.54 -0.95
N CYS A 40 -9.85 -16.00 -2.10
CA CYS A 40 -10.49 -14.78 -2.60
C CYS A 40 -11.98 -14.99 -2.82
N MET A 41 -12.37 -16.15 -3.37
CA MET A 41 -13.78 -16.41 -3.64
C MET A 41 -14.58 -16.42 -2.35
N SER A 42 -14.02 -16.98 -1.27
CA SER A 42 -14.72 -17.00 0.00
C SER A 42 -14.98 -15.60 0.53
N GLN A 43 -14.28 -14.60 0.01
CA GLN A 43 -14.46 -13.20 0.40
C GLN A 43 -15.17 -12.40 -0.68
N ASN A 44 -15.96 -13.09 -1.51
CA ASN A 44 -16.71 -12.47 -2.60
C ASN A 44 -15.81 -11.62 -3.47
N ALA A 45 -14.66 -12.21 -3.82
CA ALA A 45 -13.65 -11.52 -4.60
C ALA A 45 -12.98 -12.53 -5.51
N SER A 46 -12.01 -12.05 -6.29
CA SER A 46 -11.17 -12.88 -7.12
C SER A 46 -9.72 -12.50 -6.88
N LEU A 47 -8.79 -13.31 -7.36
CA LEU A 47 -7.40 -12.90 -7.39
C LEU A 47 -7.26 -11.66 -8.25
N LEU A 48 -6.24 -10.87 -7.95
CA LEU A 48 -5.94 -9.65 -8.70
C LEU A 48 -6.07 -9.87 -10.20
N LYS A 49 -6.85 -8.99 -10.85
CA LYS A 49 -6.92 -8.90 -12.30
C LYS A 49 -6.35 -7.55 -12.72
N VAL A 50 -5.41 -7.56 -13.65
CA VAL A 50 -4.79 -6.34 -14.15
C VAL A 50 -5.45 -5.98 -15.48
N TYR A 51 -6.17 -4.87 -15.50
CA TYR A 51 -6.87 -4.42 -16.69
C TYR A 51 -6.54 -2.99 -17.12
N SER A 52 -5.89 -2.20 -16.27
CA SER A 52 -5.59 -0.82 -16.63
C SER A 52 -4.34 -0.37 -15.88
N LYS A 53 -3.29 -0.01 -16.61
CA LYS A 53 -2.09 0.54 -15.98
C LYS A 53 -2.39 1.86 -15.29
N GLU A 54 -3.33 2.64 -15.82
CA GLU A 54 -3.63 3.95 -15.26
C GLU A 54 -4.54 3.83 -14.05
N ASP A 55 -5.63 3.07 -14.18
CA ASP A 55 -6.59 2.96 -13.08
C ASP A 55 -6.08 2.08 -11.95
N GLN A 56 -5.03 1.30 -12.19
CA GLN A 56 -4.42 0.44 -11.17
C GLN A 56 -2.96 0.81 -10.95
N ASP A 57 -2.62 2.09 -11.09
CA ASP A 57 -1.21 2.47 -10.96
C ASP A 57 -0.65 2.29 -9.56
N LEU A 58 -1.50 2.10 -8.55
CA LEU A 58 -0.97 1.73 -7.24
C LEU A 58 -0.14 0.45 -7.30
N LEU A 59 -0.37 -0.42 -8.30
CA LEU A 59 0.42 -1.63 -8.42
C LEU A 59 1.90 -1.35 -8.65
N LYS A 60 2.27 -0.14 -9.07
CA LYS A 60 3.67 0.22 -9.17
C LYS A 60 4.37 0.16 -7.82
N LEU A 61 3.61 0.31 -6.72
CA LEU A 61 4.17 0.33 -5.38
C LEU A 61 4.20 -1.04 -4.71
N VAL A 62 3.67 -2.08 -5.35
CA VAL A 62 3.60 -3.38 -4.72
C VAL A 62 4.96 -4.08 -4.89
N LYS A 63 5.60 -4.41 -3.77
CA LYS A 63 6.85 -5.14 -3.80
C LYS A 63 6.61 -6.61 -3.46
N SER A 64 7.66 -7.41 -3.62
CA SER A 64 7.61 -8.86 -3.55
C SER A 64 6.78 -9.43 -4.71
N TYR A 65 6.29 -10.65 -4.57
CA TYR A 65 5.70 -11.41 -5.65
C TYR A 65 4.44 -12.07 -5.11
N HIS A 66 3.34 -12.00 -5.87
CA HIS A 66 2.04 -12.40 -5.33
C HIS A 66 1.19 -13.03 -6.42
N TRP A 67 0.46 -14.09 -6.08
CA TRP A 67 -0.43 -14.67 -7.07
C TRP A 67 -1.41 -13.61 -7.56
N MET A 68 -1.60 -13.58 -8.88
CA MET A 68 -2.73 -12.90 -9.51
C MET A 68 -3.52 -13.94 -10.29
N GLY A 69 -4.65 -13.53 -10.85
CA GLY A 69 -5.59 -14.48 -11.44
C GLY A 69 -5.31 -14.89 -12.87
N LEU A 70 -4.05 -14.88 -13.27
CA LEU A 70 -3.66 -15.11 -14.66
C LEU A 70 -3.14 -16.53 -14.83
N VAL A 71 -3.74 -17.26 -15.79
CA VAL A 71 -3.42 -18.65 -16.01
C VAL A 71 -3.18 -18.91 -17.48
N HIS A 72 -2.40 -19.94 -17.75
CA HIS A 72 -2.02 -20.31 -19.11
C HIS A 72 -2.91 -21.44 -19.62
N SER A 78 -1.92 -19.24 -24.63
CA SER A 78 -2.42 -17.91 -24.29
C SER A 78 -2.67 -17.76 -22.80
N TRP A 79 -2.63 -16.52 -22.32
CA TRP A 79 -2.90 -16.20 -20.93
C TRP A 79 -4.29 -15.61 -20.80
N GLN A 80 -5.01 -16.01 -19.77
CA GLN A 80 -6.33 -15.46 -19.51
C GLN A 80 -6.57 -15.38 -18.02
N TRP A 81 -7.55 -14.56 -17.65
CA TRP A 81 -7.93 -14.34 -16.27
C TRP A 81 -8.96 -15.38 -15.80
N GLU A 82 -9.20 -15.37 -14.48
CA GLU A 82 -10.23 -16.24 -13.90
C GLU A 82 -11.57 -16.04 -14.59
N ASP A 83 -11.94 -14.79 -14.85
CA ASP A 83 -13.25 -14.53 -15.43
C ASP A 83 -13.35 -14.93 -16.90
N GLY A 84 -12.37 -15.68 -17.39
CA GLY A 84 -12.36 -16.12 -18.77
C GLY A 84 -11.93 -15.06 -19.76
N SER A 85 -11.76 -13.82 -19.33
CA SER A 85 -11.37 -12.77 -20.25
C SER A 85 -9.89 -12.89 -20.58
N SER A 86 -9.50 -12.30 -21.70
CA SER A 86 -8.13 -12.41 -22.17
C SER A 86 -7.26 -11.33 -21.54
N LEU A 87 -5.96 -11.58 -21.55
CA LEU A 87 -4.99 -10.58 -21.13
C LEU A 87 -4.83 -9.57 -22.25
N SER A 88 -5.12 -8.30 -21.96
CA SER A 88 -4.93 -7.26 -22.95
C SER A 88 -3.45 -6.97 -23.12
N PRO A 89 -2.98 -6.74 -24.35
CA PRO A 89 -1.57 -6.43 -24.55
C PRO A 89 -1.20 -5.10 -23.88
N ASN A 90 0.10 -4.90 -23.70
CA ASN A 90 0.65 -3.67 -23.15
C ASN A 90 0.28 -3.43 -21.70
N LEU A 91 -0.09 -4.48 -20.96
CA LEU A 91 -0.38 -4.36 -19.55
C LEU A 91 0.67 -5.03 -18.67
N LEU A 92 1.14 -6.22 -19.04
CA LEU A 92 2.08 -6.96 -18.22
C LEU A 92 3.21 -7.49 -19.09
N THR A 93 4.42 -7.45 -18.56
CA THR A 93 5.57 -8.13 -19.14
C THR A 93 5.67 -9.51 -18.48
N ILE A 94 5.42 -10.55 -19.25
CA ILE A 94 5.43 -11.92 -18.74
C ILE A 94 6.84 -12.49 -18.92
N ILE A 95 7.43 -12.95 -17.81
CA ILE A 95 8.82 -13.37 -17.78
C ILE A 95 8.88 -14.79 -17.24
N GLU A 96 9.61 -15.66 -17.95
CA GLU A 96 9.80 -17.02 -17.47
C GLU A 96 10.57 -17.02 -16.17
N MET A 97 10.25 -17.97 -15.29
CA MET A 97 10.93 -18.11 -14.00
C MET A 97 10.98 -19.57 -13.57
N GLN A 98 9.82 -20.17 -13.34
CA GLN A 98 9.72 -21.60 -13.12
C GLN A 98 8.68 -22.18 -14.08
N LYS A 99 8.90 -23.41 -14.50
CA LYS A 99 7.93 -24.08 -15.37
C LYS A 99 6.59 -24.14 -14.66
N GLY A 100 5.55 -23.64 -15.31
CA GLY A 100 4.23 -23.67 -14.71
C GLY A 100 3.23 -22.93 -15.56
N ASP A 101 1.98 -22.98 -15.10
CA ASP A 101 0.85 -22.42 -15.84
C ASP A 101 0.16 -21.27 -15.11
N CYS A 102 0.80 -20.70 -14.10
CA CYS A 102 0.22 -19.60 -13.33
C CYS A 102 1.24 -18.48 -13.28
N ALA A 103 0.81 -17.28 -12.85
CA ALA A 103 1.70 -16.14 -12.84
C ALA A 103 1.64 -15.35 -11.54
N LEU A 104 2.80 -14.87 -11.11
CA LEU A 104 2.94 -13.99 -9.95
C LEU A 104 3.06 -12.54 -10.43
N TYR A 105 2.30 -11.64 -9.80
CA TYR A 105 2.50 -10.22 -10.03
C TYR A 105 3.75 -9.75 -9.31
N ALA A 106 4.53 -8.89 -9.99
CA ALA A 106 5.59 -8.13 -9.35
C ALA A 106 5.69 -6.76 -9.99
N SER A 107 6.19 -5.78 -9.24
CA SER A 107 6.35 -4.45 -9.80
C SER A 107 7.56 -4.43 -10.75
N SER A 108 7.46 -3.64 -11.83
CA SER A 108 6.30 -2.84 -12.15
C SER A 108 5.58 -3.48 -13.34
N PHE A 109 4.35 -3.95 -13.11
CA PHE A 109 3.53 -4.56 -14.16
C PHE A 109 4.25 -5.71 -14.87
N LYS A 110 4.81 -6.59 -14.05
CA LYS A 110 5.44 -7.82 -14.49
C LYS A 110 4.62 -9.02 -14.01
N GLY A 111 4.69 -10.09 -14.80
CA GLY A 111 4.17 -11.37 -14.37
C GLY A 111 5.26 -12.41 -14.51
N TYR A 112 5.62 -13.08 -13.41
CA TYR A 112 6.62 -14.14 -13.43
C TYR A 112 5.92 -15.49 -13.46
N ILE A 113 6.26 -16.31 -14.46
CA ILE A 113 5.64 -17.62 -14.59
C ILE A 113 6.09 -18.52 -13.45
N GLU A 114 5.14 -19.22 -12.83
CA GLU A 114 5.39 -19.97 -11.61
C GLU A 114 4.57 -21.25 -11.61
N ASN A 115 5.10 -22.26 -10.94
CA ASN A 115 4.39 -23.53 -10.74
C ASN A 115 3.15 -23.26 -9.89
N CYS A 116 1.97 -23.62 -10.42
CA CYS A 116 0.73 -23.34 -9.71
C CYS A 116 0.69 -23.97 -8.33
N SER A 117 1.46 -25.04 -8.11
CA SER A 117 1.46 -25.74 -6.83
C SER A 117 2.40 -25.12 -5.80
N THR A 118 3.17 -24.10 -6.16
CA THR A 118 4.12 -23.53 -5.21
C THR A 118 3.44 -22.50 -4.33
N PRO A 119 3.57 -22.58 -3.01
CA PRO A 119 2.91 -21.59 -2.14
C PRO A 119 3.51 -20.20 -2.34
N ASN A 120 2.63 -19.20 -2.36
CA ASN A 120 3.02 -17.81 -2.50
C ASN A 120 1.99 -16.95 -1.79
N THR A 121 2.39 -15.73 -1.41
CA THR A 121 1.40 -14.75 -0.98
C THR A 121 0.53 -14.38 -2.18
N TYR A 122 -0.59 -13.70 -1.91
CA TYR A 122 -1.55 -13.42 -2.96
C TYR A 122 -2.30 -12.12 -2.68
N ILE A 123 -2.90 -11.58 -3.75
CA ILE A 123 -3.67 -10.36 -3.67
C ILE A 123 -5.08 -10.66 -4.20
N CYS A 124 -6.09 -10.34 -3.39
CA CYS A 124 -7.46 -10.42 -3.83
C CYS A 124 -7.96 -9.03 -4.21
N MET A 125 -8.93 -9.00 -5.11
CA MET A 125 -9.45 -7.75 -5.61
C MET A 125 -10.95 -7.88 -5.86
N GLN A 126 -11.71 -6.84 -5.51
CA GLN A 126 -13.12 -6.74 -5.87
C GLN A 126 -13.28 -5.51 -6.74
N ARG A 127 -13.92 -5.69 -7.90
CA ARG A 127 -14.34 -4.56 -8.71
C ARG A 127 -15.71 -4.10 -8.26
N THR A 128 -15.94 -2.79 -8.32
CA THR A 128 -17.18 -2.21 -7.87
C THR A 128 -18.14 -1.94 -9.02
N VAL A 129 -17.76 -2.25 -10.26
CA VAL A 129 -18.61 -2.00 -11.41
C VAL A 129 -18.60 -3.19 -12.37
N SER B 7 -19.07 -0.20 2.50
CA SER B 7 -19.48 1.18 2.32
C SER B 7 -18.48 1.91 1.44
N TYR B 8 -18.61 3.23 1.40
CA TYR B 8 -17.67 4.07 0.68
C TYR B 8 -16.62 4.64 1.63
N CYS B 9 -15.48 4.96 1.05
CA CYS B 9 -14.31 5.45 1.77
C CYS B 9 -13.98 6.84 1.23
N GLY B 10 -13.81 7.81 2.12
CA GLY B 10 -13.42 9.13 1.69
C GLY B 10 -14.16 10.22 2.42
N PRO B 11 -14.22 11.43 1.82
CA PRO B 11 -13.67 11.74 0.50
C PRO B 11 -12.14 11.83 0.48
N CYS B 12 -11.53 11.55 -0.66
CA CYS B 12 -10.10 11.66 -0.86
C CYS B 12 -9.82 12.28 -2.22
N PRO B 13 -8.62 12.81 -2.43
CA PRO B 13 -8.21 13.18 -3.79
C PRO B 13 -8.11 11.94 -4.68
N LYS B 14 -8.28 12.16 -5.98
CA LYS B 14 -8.63 11.07 -6.88
C LYS B 14 -7.59 9.95 -6.87
N ASN B 15 -6.32 10.29 -6.77
CA ASN B 15 -5.22 9.34 -6.90
C ASN B 15 -4.59 8.96 -5.56
N TRP B 16 -5.35 9.06 -4.47
CA TRP B 16 -4.85 8.66 -3.16
C TRP B 16 -5.48 7.33 -2.76
N ILE B 17 -4.77 6.59 -1.92
CA ILE B 17 -5.31 5.37 -1.33
C ILE B 17 -6.27 5.76 -0.21
N CYS B 18 -7.40 5.07 -0.13
CA CYS B 18 -8.35 5.30 0.96
C CYS B 18 -8.47 4.04 1.80
N TYR B 19 -8.44 4.22 3.11
CA TYR B 19 -8.55 3.07 4.01
C TYR B 19 -9.17 3.56 5.32
N LYS B 20 -10.32 3.03 5.65
CA LYS B 20 -11.02 3.38 6.89
C LYS B 20 -11.17 4.90 7.00
N ASN B 21 -11.48 5.53 5.87
CA ASN B 21 -11.79 6.95 5.68
C ASN B 21 -10.58 7.89 5.77
N ASN B 22 -9.37 7.37 5.95
CA ASN B 22 -8.16 8.16 5.83
C ASN B 22 -7.58 8.02 4.42
N CYS B 23 -6.99 9.11 3.92
CA CYS B 23 -6.38 9.13 2.60
C CYS B 23 -4.87 9.17 2.73
N TYR B 24 -4.19 8.36 1.93
CA TYR B 24 -2.73 8.26 2.03
C TYR B 24 -2.11 8.39 0.64
N GLN B 25 -0.98 9.09 0.57
CA GLN B 25 -0.20 9.16 -0.65
C GLN B 25 1.28 9.04 -0.35
N PHE B 26 1.95 8.15 -1.07
CA PHE B 26 3.38 8.00 -0.98
C PHE B 26 4.05 8.91 -2.00
N PHE B 27 5.14 9.55 -1.57
CA PHE B 27 5.92 10.43 -2.43
C PHE B 27 7.34 9.88 -2.53
N ASP B 28 7.77 9.58 -3.76
CA ASP B 28 9.06 8.94 -3.97
CA ASP B 28 9.06 8.94 -3.98
C ASP B 28 10.23 9.91 -4.01
N GLU B 29 9.98 11.21 -4.21
CA GLU B 29 11.06 12.18 -4.26
C GLU B 29 11.58 12.46 -2.86
N GLU B 30 12.88 12.24 -2.65
CA GLU B 30 13.43 12.38 -1.31
C GLU B 30 13.56 13.84 -0.94
N LYS B 31 13.02 14.20 0.22
CA LYS B 31 13.05 15.55 0.75
C LYS B 31 13.35 15.47 2.23
N ASN B 32 13.95 16.53 2.78
CA ASN B 32 14.10 16.59 4.22
C ASN B 32 12.74 16.76 4.88
N TRP B 33 12.70 16.71 6.22
CA TRP B 33 11.40 16.71 6.89
C TRP B 33 10.63 17.99 6.58
N TYR B 34 11.33 19.14 6.61
CA TYR B 34 10.67 20.40 6.37
C TYR B 34 10.10 20.50 4.97
N GLU B 35 10.87 20.06 3.97
CA GLU B 35 10.39 20.08 2.59
C GLU B 35 9.22 19.11 2.40
N SER B 36 9.26 17.97 3.10
CA SER B 36 8.14 17.03 3.04
C SER B 36 6.89 17.63 3.65
N GLN B 37 7.02 18.30 4.81
CA GLN B 37 5.87 18.95 5.43
C GLN B 37 5.24 19.97 4.48
N ALA B 38 6.08 20.77 3.81
CA ALA B 38 5.56 21.77 2.88
C ALA B 38 4.88 21.11 1.69
N SER B 39 5.43 19.99 1.21
CA SER B 39 4.81 19.26 0.11
C SER B 39 3.41 18.80 0.48
N CYS B 40 3.25 18.16 1.65
CA CYS B 40 1.91 17.71 2.03
C CYS B 40 0.97 18.90 2.19
N MET B 41 1.46 20.00 2.76
CA MET B 41 0.60 21.15 3.01
C MET B 41 0.12 21.76 1.69
N SER B 42 0.97 21.71 0.66
CA SER B 42 0.56 22.22 -0.64
C SER B 42 -0.60 21.41 -1.22
N GLN B 43 -0.75 20.15 -0.80
CA GLN B 43 -1.84 19.30 -1.23
C GLN B 43 -3.00 19.30 -0.25
N ASN B 44 -3.12 20.35 0.56
CA ASN B 44 -4.12 20.43 1.62
C ASN B 44 -4.15 19.17 2.47
N ALA B 45 -2.95 18.71 2.84
CA ALA B 45 -2.79 17.53 3.66
C ALA B 45 -1.66 17.78 4.65
N SER B 46 -1.32 16.74 5.41
CA SER B 46 -0.19 16.79 6.33
C SER B 46 0.63 15.52 6.16
N LEU B 47 1.76 15.46 6.84
CA LEU B 47 2.48 14.19 6.91
C LEU B 47 1.67 13.19 7.72
N LEU B 48 1.93 11.90 7.49
CA LEU B 48 1.29 10.83 8.23
C LEU B 48 1.21 11.10 9.73
N LYS B 49 0.02 10.94 10.29
CA LYS B 49 -0.21 10.94 11.73
C LYS B 49 -0.71 9.55 12.11
N VAL B 50 -0.10 8.94 13.11
CA VAL B 50 -0.48 7.61 13.58
C VAL B 50 -1.27 7.77 14.87
N TYR B 51 -2.55 7.41 14.84
CA TYR B 51 -3.43 7.49 16.00
C TYR B 51 -4.06 6.18 16.42
N SER B 52 -4.03 5.14 15.58
CA SER B 52 -4.72 3.89 15.93
C SER B 52 -4.11 2.74 15.16
N LYS B 53 -3.68 1.69 15.87
CA LYS B 53 -3.17 0.52 15.19
C LYS B 53 -4.28 -0.27 14.49
N GLU B 54 -5.54 -0.10 14.93
CA GLU B 54 -6.65 -0.81 14.32
C GLU B 54 -7.17 -0.07 13.09
N ASP B 55 -7.46 1.23 13.24
CA ASP B 55 -7.94 2.03 12.11
C ASP B 55 -6.89 2.17 11.05
N GLN B 56 -5.62 2.04 11.41
CA GLN B 56 -4.53 2.24 10.46
C GLN B 56 -3.68 0.99 10.31
N ASP B 57 -4.32 -0.18 10.41
CA ASP B 57 -3.53 -1.42 10.34
C ASP B 57 -2.88 -1.62 8.98
N LEU B 58 -3.31 -0.91 7.94
CA LEU B 58 -2.58 -0.96 6.67
C LEU B 58 -1.12 -0.58 6.83
N LEU B 59 -0.78 0.19 7.87
CA LEU B 59 0.61 0.60 8.05
C LEU B 59 1.52 -0.58 8.35
N LYS B 60 0.97 -1.72 8.74
CA LYS B 60 1.78 -2.93 8.87
C LYS B 60 2.35 -3.37 7.54
N LEU B 61 1.72 -2.97 6.43
CA LEU B 61 2.13 -3.42 5.11
C LEU B 61 3.08 -2.46 4.45
N VAL B 62 3.37 -1.32 5.07
CA VAL B 62 4.24 -0.34 4.46
C VAL B 62 5.67 -0.84 4.48
N LYS B 63 6.32 -0.78 3.33
CA LYS B 63 7.71 -1.19 3.19
C LYS B 63 8.63 0.04 3.17
N SER B 64 9.84 -0.13 3.70
CA SER B 64 10.85 0.93 3.81
C SER B 64 10.46 1.99 4.84
N TYR B 65 11.20 3.08 4.91
N TYR B 65 11.23 3.08 4.86
CA TYR B 65 10.95 4.09 5.93
CA TYR B 65 11.14 4.15 5.86
C TYR B 65 10.69 5.42 5.26
C TYR B 65 10.67 5.44 5.20
N HIS B 66 9.83 6.21 5.91
CA HIS B 66 9.26 7.42 5.31
C HIS B 66 8.98 8.45 6.39
N TRP B 67 9.15 9.72 6.06
CA TRP B 67 8.84 10.75 7.03
C TRP B 67 7.37 10.67 7.42
N MET B 68 7.12 10.83 8.73
CA MET B 68 5.79 11.08 9.27
C MET B 68 5.83 12.40 10.03
N GLY B 69 4.67 12.84 10.51
CA GLY B 69 4.55 14.16 11.07
C GLY B 69 4.93 14.32 12.53
N LEU B 70 5.81 13.45 13.04
CA LEU B 70 6.16 13.42 14.46
C LEU B 70 7.46 14.15 14.72
N VAL B 71 7.45 15.12 15.65
CA VAL B 71 8.60 15.96 15.91
C VAL B 71 8.82 16.08 17.40
N HIS B 72 10.07 16.30 17.80
CA HIS B 72 10.42 16.49 19.20
C HIS B 72 10.72 17.97 19.46
N ILE B 73 10.21 18.49 20.56
CA ILE B 73 10.50 19.86 20.94
C ILE B 73 11.48 19.95 22.09
N GLY B 77 7.66 18.80 25.74
CA GLY B 77 8.75 17.98 26.22
C GLY B 77 8.64 16.54 25.76
N SER B 78 7.71 16.29 24.84
CA SER B 78 7.47 14.96 24.30
C SER B 78 7.34 15.06 22.78
N TRP B 79 7.18 13.91 22.14
CA TRP B 79 6.94 13.89 20.71
C TRP B 79 5.52 14.37 20.42
N GLN B 80 5.39 15.19 19.38
CA GLN B 80 4.11 15.77 19.02
C GLN B 80 3.92 15.73 17.51
N TRP B 81 2.67 15.67 17.09
CA TRP B 81 2.32 15.69 15.68
C TRP B 81 2.24 17.14 15.20
N GLU B 82 2.23 17.29 13.87
CA GLU B 82 2.14 18.63 13.30
C GLU B 82 0.96 19.40 13.87
N ASP B 83 -0.15 18.72 14.10
CA ASP B 83 -1.36 19.41 14.57
C ASP B 83 -1.27 19.80 16.04
N GLY B 84 -0.13 19.59 16.70
CA GLY B 84 0.02 19.96 18.09
C GLY B 84 -0.37 18.89 19.08
N SER B 85 -1.10 17.87 18.65
CA SER B 85 -1.46 16.78 19.54
C SER B 85 -0.25 15.93 19.88
N SER B 86 -0.33 15.22 20.99
CA SER B 86 0.78 14.42 21.47
C SER B 86 0.68 12.99 20.94
N LEU B 87 1.85 12.32 20.88
CA LEU B 87 1.90 10.90 20.58
C LEU B 87 1.20 10.10 21.68
N SER B 88 0.20 9.31 21.30
CA SER B 88 -0.49 8.48 22.28
C SER B 88 0.43 7.34 22.72
N PRO B 89 0.40 6.96 23.99
CA PRO B 89 1.18 5.79 24.41
C PRO B 89 0.70 4.55 23.69
N ASN B 90 1.60 3.56 23.60
CA ASN B 90 1.27 2.24 23.08
C ASN B 90 0.84 2.29 21.61
N LEU B 91 1.39 3.23 20.85
CA LEU B 91 1.15 3.32 19.43
C LEU B 91 2.39 3.01 18.61
N LEU B 92 3.54 3.58 18.98
CA LEU B 92 4.78 3.42 18.23
C LEU B 92 5.90 3.02 19.16
N THR B 93 6.76 2.14 18.68
CA THR B 93 8.05 1.90 19.32
C THR B 93 9.07 2.85 18.74
N ILE B 94 9.59 3.74 19.57
CA ILE B 94 10.54 4.77 19.13
C ILE B 94 11.95 4.21 19.25
N ILE B 95 12.73 4.26 18.17
CA ILE B 95 14.07 3.69 18.11
C ILE B 95 15.06 4.76 17.71
N GLU B 96 16.17 4.85 18.45
CA GLU B 96 17.15 5.92 18.26
C GLU B 96 18.44 5.34 17.70
N MET B 97 18.74 5.65 16.44
CA MET B 97 20.06 5.36 15.88
C MET B 97 20.64 6.53 15.11
N GLN B 98 20.13 7.75 15.33
CA GLN B 98 20.71 8.96 14.74
C GLN B 98 20.23 10.15 15.56
N LYS B 99 21.07 11.17 15.65
CA LYS B 99 20.67 12.38 16.35
C LYS B 99 19.66 13.15 15.49
N GLY B 100 18.51 13.47 16.06
CA GLY B 100 17.50 14.19 15.29
C GLY B 100 16.29 14.52 16.14
N ASP B 101 15.44 15.40 15.57
CA ASP B 101 14.21 15.85 16.21
C ASP B 101 12.97 15.49 15.41
N CYS B 102 13.11 14.63 14.41
CA CYS B 102 12.03 14.19 13.54
C CYS B 102 12.04 12.67 13.52
N ALA B 103 10.98 12.07 12.98
CA ALA B 103 10.86 10.61 13.01
C ALA B 103 10.37 10.06 11.67
N LEU B 104 10.98 8.95 11.28
CA LEU B 104 10.54 8.15 10.14
C LEU B 104 9.63 7.01 10.60
N TYR B 105 8.54 6.79 9.87
CA TYR B 105 7.72 5.60 10.08
C TYR B 105 8.38 4.39 9.42
N ALA B 106 8.34 3.25 10.11
CA ALA B 106 8.70 1.97 9.53
C ALA B 106 7.79 0.91 10.15
N SER B 107 7.50 -0.14 9.38
CA SER B 107 6.67 -1.22 9.90
C SER B 107 7.49 -2.09 10.86
N SER B 108 6.84 -2.61 11.90
CA SER B 108 5.41 -2.48 12.16
C SER B 108 5.26 -1.50 13.34
N PHE B 109 4.70 -0.33 13.08
CA PHE B 109 4.45 0.68 14.12
C PHE B 109 5.73 1.07 14.86
N LYS B 110 6.76 1.39 14.10
CA LYS B 110 8.00 1.90 14.65
C LYS B 110 8.19 3.34 14.20
N GLY B 111 8.88 4.11 15.03
CA GLY B 111 9.35 5.43 14.65
C GLY B 111 10.85 5.51 14.85
N TYR B 112 11.59 5.76 13.77
N TYR B 112 11.61 5.82 13.80
CA TYR B 112 13.03 5.94 13.85
CA TYR B 112 13.06 5.91 13.87
C TYR B 112 13.32 7.43 14.02
C TYR B 112 13.47 7.38 13.94
N ILE B 113 14.13 7.76 15.03
CA ILE B 113 14.56 9.14 15.17
C ILE B 113 15.60 9.45 14.10
N GLU B 114 15.44 10.58 13.43
CA GLU B 114 16.21 10.90 12.24
C GLU B 114 16.48 12.40 12.21
N ASN B 115 17.64 12.77 11.66
CA ASN B 115 17.94 14.17 11.46
C ASN B 115 16.92 14.79 10.51
N CYS B 116 16.28 15.88 10.95
CA CYS B 116 15.26 16.51 10.12
C CYS B 116 15.80 16.94 8.77
N SER B 117 17.11 17.12 8.65
CA SER B 117 17.71 17.56 7.39
C SER B 117 18.02 16.42 6.43
N THR B 118 17.80 15.17 6.82
CA THR B 118 18.18 14.06 5.93
C THR B 118 17.07 13.82 4.91
N PRO B 119 17.39 13.80 3.61
CA PRO B 119 16.36 13.53 2.61
C PRO B 119 15.80 12.11 2.76
N ASN B 120 14.47 12.01 2.72
CA ASN B 120 13.79 10.72 2.81
C ASN B 120 12.51 10.77 1.99
N THR B 121 12.03 9.60 1.55
CA THR B 121 10.68 9.56 1.03
C THR B 121 9.70 9.87 2.17
N TYR B 122 8.44 10.11 1.80
CA TYR B 122 7.48 10.59 2.79
C TYR B 122 6.06 10.15 2.41
N ILE B 123 5.19 10.18 3.43
CA ILE B 123 3.79 9.78 3.31
C ILE B 123 2.96 10.96 3.75
N CYS B 124 2.06 11.41 2.88
CA CYS B 124 1.06 12.41 3.23
C CYS B 124 -0.25 11.73 3.56
N MET B 125 -1.04 12.39 4.41
CA MET B 125 -2.32 11.86 4.85
C MET B 125 -3.33 12.99 4.93
N GLN B 126 -4.58 12.66 4.63
CA GLN B 126 -5.68 13.62 4.68
C GLN B 126 -6.91 12.92 5.25
N ARG B 127 -7.70 13.67 5.99
CA ARG B 127 -8.94 13.15 6.57
C ARG B 127 -10.04 14.21 6.56
C1 PEG C . -5.17 -4.56 2.94
O1 PEG C . -4.71 -5.87 2.81
C2 PEG C . -5.32 -4.12 4.41
O2 PEG C . -4.59 -4.94 5.29
C3 PEG C . -4.38 -4.35 6.55
C4 PEG C . -3.38 -5.12 7.39
O4 PEG C . -3.06 -6.36 6.81
C1 VMH D . 1.88 -4.62 0.72
C10 VMH D . 5.66 0.64 -0.49
C11 VMH D . 6.86 0.19 -1.09
C13 VMH D . 7.48 2.46 -1.59
C14 VMH D . 6.30 2.90 -1.01
C15 VMH D . 5.38 2.00 -0.45
C16 VMH D . 4.18 2.60 0.13
C17 VMH D . 2.91 2.18 -0.26
C18 VMH D . 1.78 2.79 0.30
C19 VMH D . 1.91 3.81 1.24
C20 VMH D . 3.19 4.23 1.63
C21 VMH D . 4.32 3.62 1.08
C22 VMH D . 0.72 4.46 1.83
C3 VMH D . 3.05 -6.00 -0.92
C32 VMH D . 2.03 -1.73 -0.41
C33 VMH D . 1.55 -1.64 -1.72
C34 VMH D . 0.30 -1.06 -1.97
C35 VMH D . -0.47 -0.56 -0.93
C36 VMH D . 0.01 -0.63 0.38
C37 VMH D . 1.25 -1.22 0.63
C38 VMH D . -0.79 -0.11 1.52
C4 VMH D . 3.60 -3.64 -0.80
C6 VMH D . 3.36 -2.32 -0.11
C8 VMH D . 4.73 -0.32 0.09
F23 VMH D . -0.40 3.70 1.74
F24 VMH D . 0.89 4.76 3.13
F25 VMH D . 0.43 5.65 1.23
F39 VMH D . -1.73 0.80 1.15
F40 VMH D . -1.46 -1.10 2.15
F41 VMH D . -0.02 0.49 2.47
N2 VMH D . 2.86 -4.71 -0.31
N7 VMH D . 4.35 -1.41 -0.66
O5 VMH D . 4.44 -3.78 -1.66
O9 VMH D . 4.31 -0.11 1.21
C12 VMH D . 7.77 1.09 -1.63
C12 VMH D . 7.77 1.09 -1.63
C26 VMH D . 9.02 0.65 -2.23
C26 VMH D . 9.02 0.63 -2.21
C27 VMH D . 9.63 1.05 -3.39
C27 VMH D . 9.92 -0.29 -1.74
C28 VMH D . 10.81 0.29 -3.46
C28 VMH D . 10.93 -0.34 -2.71
C31 VMH D . 9.63 -1.01 -0.47
C31 VMH D . 8.94 2.02 -4.28
N29 VMH D . 10.96 -0.53 -2.43
N29 VMH D . 10.71 0.48 -3.74
N30 VMH D . 9.85 -0.29 -1.71
N30 VMH D . 9.54 1.06 -3.40
C1 PEG E . 0.81 5.99 -8.02
O1 PEG E . 2.14 6.01 -7.57
C2 PEG E . -0.09 5.30 -6.99
O2 PEG E . 0.12 5.87 -5.73
C3 PEG E . -0.85 5.51 -4.79
C4 PEG E . -0.75 6.35 -3.51
O4 PEG E . 0.55 6.85 -3.34
#